data_2PSO
#
_entry.id   2PSO
#
_cell.length_a   78.240
_cell.length_b   78.240
_cell.length_c   212.720
_cell.angle_alpha   90.00
_cell.angle_beta   90.00
_cell.angle_gamma   90.00
#
_symmetry.space_group_name_H-M   'P 43'
#
_entity_poly.entity_id   1
_entity_poly.type   'polypeptide(L)'
_entity_poly.pdbx_seq_one_letter_code
;MHHHHHHSSGVDLGTENLYFQSMEESGATFHTYLNHLIQGLQKEAKEKFKGWVTCSSTDNTDLAFKKVGDGNPLKLWKAS
VEVEAPPSVVLNRVLRERHLWDEDFVQWKVVETLDRQTEIYQYVLNSMAPHPSRDFVVLRTWKTDLPKGMCTLVSLSVEH
EEAQLLGGVRAVVMDSQYLIEPCGSGKSRLTHICRIDLKGHSPEWYSKGFGHLCAAEVARIRNSFQPLIAEGPETKI
;
_entity_poly.pdbx_strand_id   A,B,C
#
# COMPACT_ATOMS: atom_id res chain seq x y z
N THR A 32 -62.74 29.90 6.04
CA THR A 32 -62.22 29.99 7.43
C THR A 32 -61.33 31.22 7.59
N TYR A 33 -61.15 31.67 8.84
CA TYR A 33 -60.24 32.77 9.10
C TYR A 33 -59.01 32.33 9.87
N LEU A 34 -57.90 32.23 9.15
CA LEU A 34 -56.57 32.20 9.73
C LEU A 34 -55.55 32.65 8.70
N ASN A 35 -55.15 33.92 8.81
CA ASN A 35 -54.11 34.49 7.99
C ASN A 35 -52.76 33.94 8.38
N HIS A 36 -52.17 33.17 7.48
CA HIS A 36 -50.75 32.85 7.59
C HIS A 36 -50.00 33.41 6.42
N LEU A 37 -50.08 34.74 6.35
CA LEU A 37 -49.16 35.54 5.58
C LEU A 37 -47.80 35.47 6.26
N ILE A 38 -47.76 34.92 7.48
CA ILE A 38 -46.52 34.70 8.23
C ILE A 38 -45.60 33.75 7.46
N GLN A 39 -46.12 32.57 7.16
CA GLN A 39 -45.40 31.59 6.38
C GLN A 39 -45.10 32.12 4.98
N GLY A 40 -45.92 33.08 4.52
CA GLY A 40 -45.64 33.78 3.27
C GLY A 40 -44.53 34.81 3.42
N LEU A 41 -44.47 35.46 4.58
CA LEU A 41 -43.51 36.53 4.83
C LEU A 41 -42.11 36.02 5.10
N GLN A 42 -42.01 34.84 5.71
CA GLN A 42 -40.73 34.15 5.89
C GLN A 42 -40.17 33.73 4.53
N LYS A 43 -40.99 33.02 3.76
CA LYS A 43 -40.64 32.61 2.41
C LYS A 43 -40.28 33.79 1.52
N GLU A 44 -40.73 34.98 1.91
CA GLU A 44 -40.41 36.20 1.15
C GLU A 44 -39.05 36.77 1.56
N ALA A 45 -38.73 36.69 2.84
CA ALA A 45 -37.45 37.22 3.33
C ALA A 45 -36.28 36.27 3.03
N LYS A 46 -36.58 34.98 2.98
CA LYS A 46 -35.56 34.01 2.62
C LYS A 46 -35.15 34.14 1.18
N GLU A 47 -36.09 34.53 0.31
CA GLU A 47 -35.79 34.72 -1.12
C GLU A 47 -34.87 35.91 -1.35
N LYS A 48 -35.00 36.92 -0.50
CA LYS A 48 -34.11 38.07 -0.54
C LYS A 48 -32.69 37.69 -0.10
N PHE A 49 -32.60 36.80 0.89
CA PHE A 49 -31.33 36.44 1.53
C PHE A 49 -30.48 35.41 0.77
N LYS A 50 -29.18 35.65 0.71
CA LYS A 50 -28.31 34.82 -0.13
C LYS A 50 -27.18 34.13 0.63
N GLY A 51 -27.24 34.17 1.96
CA GLY A 51 -26.23 33.51 2.81
C GLY A 51 -26.78 32.37 3.67
N TRP A 52 -26.15 32.13 4.81
CA TRP A 52 -26.40 30.91 5.55
C TRP A 52 -27.53 30.99 6.56
N VAL A 53 -28.55 30.15 6.40
CA VAL A 53 -29.66 30.11 7.34
C VAL A 53 -29.49 28.98 8.37
N THR A 54 -29.31 29.32 9.64
CA THR A 54 -28.99 28.32 10.67
C THR A 54 -30.14 27.39 11.08
N CYS A 55 -29.82 26.20 11.57
CA CYS A 55 -30.84 25.25 12.00
C CYS A 55 -30.57 24.72 13.38
N SER A 56 -31.60 24.10 13.96
CA SER A 56 -31.47 23.38 15.20
C SER A 56 -30.81 22.06 14.84
N SER A 57 -29.89 21.61 15.69
CA SER A 57 -29.06 20.47 15.36
C SER A 57 -28.76 19.70 16.64
N THR A 58 -28.77 18.37 16.59
CA THR A 58 -28.46 17.62 17.82
C THR A 58 -26.99 17.23 17.90
N ASP A 59 -26.63 16.73 19.10
CA ASP A 59 -25.37 16.05 19.33
C ASP A 59 -24.22 17.02 18.99
N ASN A 60 -24.36 18.23 19.51
CA ASN A 60 -23.29 19.24 19.45
C ASN A 60 -22.77 19.57 18.06
N THR A 61 -23.66 19.80 17.09
CA THR A 61 -23.24 20.16 15.75
C THR A 61 -23.80 21.50 15.35
N ASP A 62 -23.11 22.20 14.46
CA ASP A 62 -23.63 23.39 13.82
C ASP A 62 -24.13 23.09 12.41
N LEU A 63 -25.44 23.18 12.19
CA LEU A 63 -26.06 23.06 10.86
C LEU A 63 -26.54 24.40 10.27
N ALA A 64 -26.59 24.50 8.94
CA ALA A 64 -27.10 25.68 8.22
C ALA A 64 -27.35 25.36 6.76
N PHE A 65 -28.20 26.15 6.08
CA PHE A 65 -28.35 25.96 4.64
C PHE A 65 -28.36 27.24 3.82
N LYS A 66 -28.52 27.06 2.52
CA LYS A 66 -28.38 28.18 1.63
C LYS A 66 -29.07 27.82 0.33
N LYS A 67 -29.87 28.75 -0.20
CA LYS A 67 -30.41 28.62 -1.54
C LYS A 67 -29.32 29.16 -2.45
N VAL A 68 -29.04 28.47 -3.55
CA VAL A 68 -27.97 28.94 -4.40
C VAL A 68 -28.47 30.01 -5.37
N GLY A 69 -29.77 30.00 -5.66
CA GLY A 69 -30.34 30.87 -6.69
C GLY A 69 -30.04 30.24 -8.04
N ASP A 70 -30.00 28.91 -8.02
CA ASP A 70 -29.45 28.13 -9.10
C ASP A 70 -30.45 28.01 -10.25
N GLY A 71 -31.71 27.82 -9.88
CA GLY A 71 -32.67 27.23 -10.77
C GLY A 71 -32.78 25.77 -10.40
N ASN A 72 -32.31 25.44 -9.20
CA ASN A 72 -32.38 24.08 -8.68
C ASN A 72 -32.85 24.17 -7.22
N PRO A 73 -33.93 23.42 -6.89
CA PRO A 73 -34.52 23.39 -5.55
C PRO A 73 -33.57 22.88 -4.45
N LEU A 74 -32.60 22.03 -4.82
CA LEU A 74 -31.68 21.43 -3.84
C LEU A 74 -30.86 22.46 -3.08
N LYS A 75 -30.84 22.30 -1.77
CA LYS A 75 -30.11 23.23 -0.92
C LYS A 75 -28.63 22.86 -0.79
N LEU A 76 -27.83 23.86 -0.46
CA LEU A 76 -26.44 23.64 -0.14
C LEU A 76 -26.37 23.60 1.36
N TRP A 77 -25.91 22.50 1.94
CA TRP A 77 -25.80 22.43 3.39
C TRP A 77 -24.40 22.60 3.93
N LYS A 78 -24.32 22.88 5.24
CA LYS A 78 -23.06 23.12 5.91
C LYS A 78 -23.15 22.65 7.35
N ALA A 79 -22.47 21.55 7.66
CA ALA A 79 -22.39 21.05 9.04
C ALA A 79 -20.99 21.14 9.65
N SER A 80 -20.93 21.33 10.98
CA SER A 80 -19.67 21.45 11.72
C SER A 80 -19.55 20.60 13.00
N VAL A 81 -18.31 20.39 13.42
CA VAL A 81 -17.99 19.84 14.72
C VAL A 81 -16.58 20.24 15.09
N GLU A 82 -16.28 20.14 16.38
CA GLU A 82 -14.92 20.25 16.86
C GLU A 82 -14.44 18.80 17.06
N VAL A 83 -13.30 18.44 16.47
CA VAL A 83 -12.82 17.08 16.64
C VAL A 83 -11.45 17.05 17.31
N GLU A 84 -11.30 16.10 18.25
CA GLU A 84 -10.08 15.92 19.06
C GLU A 84 -8.93 15.25 18.30
N ALA A 85 -8.44 15.90 17.25
CA ALA A 85 -7.31 15.42 16.48
C ALA A 85 -6.87 16.56 15.55
N PRO A 86 -5.57 16.65 15.27
CA PRO A 86 -5.05 17.70 14.39
C PRO A 86 -5.55 17.50 12.96
N PRO A 87 -5.55 18.56 12.14
CA PRO A 87 -6.18 18.53 10.82
C PRO A 87 -5.79 17.38 9.93
N SER A 88 -4.52 17.28 9.55
CA SER A 88 -4.11 16.22 8.62
C SER A 88 -4.52 14.80 9.08
N VAL A 89 -4.53 14.54 10.37
CA VAL A 89 -5.12 13.29 10.87
C VAL A 89 -6.60 13.16 10.52
N VAL A 90 -7.42 14.10 10.97
CA VAL A 90 -8.84 14.16 10.58
C VAL A 90 -9.07 13.99 9.07
N LEU A 91 -8.15 14.52 8.27
CA LEU A 91 -8.23 14.41 6.84
C LEU A 91 -8.05 12.96 6.40
N ASN A 92 -7.09 12.28 7.00
CA ASN A 92 -6.86 10.90 6.65
C ASN A 92 -8.06 10.12 7.13
N ARG A 93 -8.66 10.57 8.22
CA ARG A 93 -9.79 9.85 8.74
C ARG A 93 -10.93 9.91 7.74
N VAL A 94 -11.08 11.05 7.04
CA VAL A 94 -12.16 11.12 6.07
C VAL A 94 -11.73 10.41 4.77
N LEU A 95 -10.45 10.56 4.45
CA LEU A 95 -9.99 10.18 3.15
C LEU A 95 -9.77 8.68 3.04
N ARG A 96 -9.09 8.05 4.01
CA ARG A 96 -8.81 6.61 3.89
C ARG A 96 -9.41 5.71 4.97
N GLU A 97 -10.23 6.26 5.86
CA GLU A 97 -10.61 5.51 7.06
C GLU A 97 -12.11 5.56 7.38
N ARG A 98 -12.93 5.60 6.36
CA ARG A 98 -14.33 5.92 6.55
C ARG A 98 -15.10 4.65 7.01
N HIS A 99 -14.43 3.51 6.92
CA HIS A 99 -15.01 2.27 7.44
C HIS A 99 -15.03 2.39 8.94
N LEU A 100 -14.16 3.23 9.48
CA LEU A 100 -14.13 3.52 10.92
C LEU A 100 -15.19 4.49 11.40
N TRP A 101 -16.03 5.03 10.51
CA TRP A 101 -17.06 5.96 11.00
C TRP A 101 -18.41 5.95 10.28
N ASP A 102 -18.58 4.99 9.38
CA ASP A 102 -19.76 4.88 8.59
C ASP A 102 -20.01 3.39 8.44
N GLU A 103 -21.06 2.91 9.11
CA GLU A 103 -21.43 1.51 9.08
C GLU A 103 -22.06 1.16 7.72
N ASP A 104 -22.42 2.17 6.95
CA ASP A 104 -23.08 1.92 5.68
C ASP A 104 -22.12 1.87 4.51
N PHE A 105 -20.92 2.40 4.72
CA PHE A 105 -19.88 2.48 3.70
C PHE A 105 -19.40 1.10 3.23
N VAL A 106 -19.89 0.61 2.10
CA VAL A 106 -19.56 -0.77 1.73
C VAL A 106 -18.47 -1.02 0.69
N GLN A 107 -18.68 -0.70 -0.58
CA GLN A 107 -17.68 -1.15 -1.54
C GLN A 107 -16.79 0.00 -1.96
N TRP A 108 -15.49 -0.11 -1.76
CA TRP A 108 -14.68 1.03 -2.11
C TRP A 108 -13.47 0.66 -2.94
N LYS A 109 -13.12 1.52 -3.89
CA LYS A 109 -11.96 1.30 -4.71
C LYS A 109 -11.50 2.64 -5.29
N VAL A 110 -10.20 2.87 -5.25
CA VAL A 110 -9.60 3.89 -6.11
C VAL A 110 -9.76 3.33 -7.52
N VAL A 111 -10.27 4.13 -8.44
CA VAL A 111 -10.59 3.62 -9.77
C VAL A 111 -9.51 4.06 -10.72
N GLU A 112 -8.97 5.23 -10.45
CA GLU A 112 -7.89 5.72 -11.27
C GLU A 112 -7.16 6.73 -10.41
N THR A 113 -5.85 6.81 -10.59
CA THR A 113 -5.11 7.83 -9.90
C THR A 113 -4.70 8.85 -10.95
N LEU A 114 -5.04 10.11 -10.73
CA LEU A 114 -4.77 11.11 -11.73
C LEU A 114 -3.48 11.82 -11.45
N ASP A 115 -3.22 12.15 -10.18
CA ASP A 115 -1.90 12.58 -9.71
C ASP A 115 -1.70 12.34 -8.24
N ARG A 116 -0.62 12.84 -7.67
CA ARG A 116 -0.33 12.49 -6.28
C ARG A 116 -1.55 12.76 -5.41
N GLN A 117 -2.25 13.86 -5.67
CA GLN A 117 -3.34 14.19 -4.76
C GLN A 117 -4.75 14.27 -5.33
N THR A 118 -4.97 13.66 -6.48
CA THR A 118 -6.30 13.62 -7.04
C THR A 118 -6.57 12.23 -7.61
N GLU A 119 -7.83 11.78 -7.48
CA GLU A 119 -8.19 10.41 -7.84
C GLU A 119 -9.68 10.26 -8.16
N ILE A 120 -10.01 9.12 -8.77
CA ILE A 120 -11.39 8.75 -8.95
C ILE A 120 -11.79 7.63 -7.99
N TYR A 121 -12.72 7.93 -7.11
CA TYR A 121 -12.98 7.02 -6.03
C TYR A 121 -14.39 6.54 -6.20
N GLN A 122 -14.66 5.31 -5.83
CA GLN A 122 -16.01 4.79 -5.99
C GLN A 122 -16.44 4.02 -4.77
N TYR A 123 -17.55 4.42 -4.17
CA TYR A 123 -18.08 3.69 -3.04
C TYR A 123 -19.58 3.48 -3.13
N VAL A 124 -20.10 2.64 -2.24
CA VAL A 124 -21.54 2.39 -2.10
C VAL A 124 -21.93 2.69 -0.68
N LEU A 125 -23.07 3.34 -0.47
CA LEU A 125 -23.65 3.47 0.86
C LEU A 125 -24.92 2.63 0.90
N ASN A 126 -25.04 1.77 1.90
CA ASN A 126 -26.28 1.02 2.04
C ASN A 126 -27.38 1.85 2.70
N SER A 127 -28.63 1.52 2.39
CA SER A 127 -29.78 2.32 2.83
C SER A 127 -30.61 1.64 3.92
N MET A 128 -31.24 2.46 4.78
CA MET A 128 -31.90 1.98 6.00
C MET A 128 -33.11 1.08 5.77
N ALA A 129 -34.18 1.63 5.22
CA ALA A 129 -35.35 0.85 4.88
C ALA A 129 -35.05 -0.05 3.67
N PRO A 130 -35.98 -0.95 3.30
CA PRO A 130 -35.87 -1.65 2.00
C PRO A 130 -35.86 -0.69 0.80
N HIS A 131 -34.91 0.24 0.79
CA HIS A 131 -34.65 1.15 -0.32
C HIS A 131 -33.55 0.54 -1.17
N PRO A 132 -33.19 1.18 -2.30
CA PRO A 132 -31.93 0.75 -2.91
C PRO A 132 -30.75 1.51 -2.33
N SER A 133 -29.54 1.01 -2.58
CA SER A 133 -28.33 1.66 -2.10
C SER A 133 -27.97 2.92 -2.90
N ARG A 134 -27.42 3.91 -2.21
CA ARG A 134 -26.93 5.10 -2.85
C ARG A 134 -25.48 4.85 -3.31
N ASP A 135 -25.21 5.08 -4.60
CA ASP A 135 -23.89 4.77 -5.17
C ASP A 135 -23.11 5.97 -5.68
N PHE A 136 -21.78 5.91 -5.59
CA PHE A 136 -20.96 7.09 -5.80
C PHE A 136 -19.73 6.82 -6.62
N VAL A 137 -19.38 7.77 -7.46
CA VAL A 137 -18.19 7.69 -8.27
C VAL A 137 -17.79 9.11 -8.39
N VAL A 138 -16.62 9.43 -7.90
CA VAL A 138 -16.31 10.80 -7.61
C VAL A 138 -14.87 11.13 -7.99
N LEU A 139 -14.65 12.35 -8.48
CA LEU A 139 -13.32 12.92 -8.58
C LEU A 139 -13.00 13.59 -7.21
N ARG A 140 -11.98 13.13 -6.47
CA ARG A 140 -11.61 13.81 -5.20
C ARG A 140 -10.23 14.33 -5.36
N THR A 141 -9.96 15.47 -4.78
CA THR A 141 -8.62 15.91 -4.70
C THR A 141 -8.46 16.42 -3.28
N TRP A 142 -7.26 16.39 -2.71
CA TRP A 142 -7.13 16.84 -1.32
C TRP A 142 -5.86 17.62 -1.22
N LYS A 143 -5.73 18.39 -0.14
CA LYS A 143 -4.71 19.38 -0.05
C LYS A 143 -4.36 19.54 1.43
N THR A 144 -3.09 19.39 1.79
CA THR A 144 -2.67 19.48 3.19
C THR A 144 -1.68 20.59 3.50
N ASP A 145 -1.23 21.33 2.48
CA ASP A 145 -0.26 22.43 2.69
C ASP A 145 -0.83 23.82 2.43
N LEU A 146 -2.06 24.05 2.88
CA LEU A 146 -2.71 25.33 2.70
C LEU A 146 -2.31 26.27 3.84
N PRO A 147 -2.46 27.59 3.64
CA PRO A 147 -2.07 28.50 4.73
C PRO A 147 -2.83 28.22 6.03
N LYS A 148 -2.21 28.60 7.15
CA LYS A 148 -2.79 28.52 8.48
C LYS A 148 -3.18 27.11 8.92
N GLY A 149 -2.42 26.10 8.49
CA GLY A 149 -2.64 24.69 8.89
C GLY A 149 -3.90 23.98 8.34
N MET A 150 -4.50 24.60 7.34
CA MET A 150 -5.76 24.14 6.74
C MET A 150 -5.62 22.91 5.86
N CYS A 151 -6.58 22.00 5.93
CA CYS A 151 -6.64 20.94 4.91
C CYS A 151 -8.00 20.92 4.27
N THR A 152 -8.08 20.37 3.06
CA THR A 152 -9.33 20.32 2.31
C THR A 152 -9.43 19.06 1.54
N LEU A 153 -10.62 18.50 1.52
CA LEU A 153 -10.88 17.43 0.59
C LEU A 153 -12.09 17.85 -0.28
N VAL A 154 -12.00 17.80 -1.58
CA VAL A 154 -13.15 18.17 -2.41
C VAL A 154 -13.55 17.10 -3.44
N SER A 155 -14.85 16.99 -3.65
CA SER A 155 -15.38 15.93 -4.45
C SER A 155 -16.48 16.37 -5.40
N LEU A 156 -16.65 15.67 -6.51
CA LEU A 156 -17.80 15.90 -7.39
C LEU A 156 -17.97 14.64 -8.18
N SER A 157 -19.21 14.29 -8.51
CA SER A 157 -19.51 13.02 -9.12
C SER A 157 -19.07 13.03 -10.56
N VAL A 158 -18.61 11.88 -11.05
CA VAL A 158 -18.27 11.74 -12.45
C VAL A 158 -18.72 10.37 -12.89
N GLU A 159 -18.47 10.04 -14.15
CA GLU A 159 -18.64 8.67 -14.62
C GLU A 159 -17.28 8.08 -14.98
N HIS A 160 -17.11 6.80 -14.74
CA HIS A 160 -15.88 6.16 -15.21
C HIS A 160 -16.21 4.94 -16.01
N GLU A 161 -15.45 4.71 -17.08
CA GLU A 161 -15.64 3.53 -17.91
C GLU A 161 -15.50 2.20 -17.16
N GLU A 162 -15.03 2.25 -15.91
CA GLU A 162 -14.78 1.03 -15.13
C GLU A 162 -15.55 1.00 -13.81
N ALA A 163 -16.33 2.03 -13.56
CA ALA A 163 -17.16 2.07 -12.37
C ALA A 163 -18.63 1.85 -12.73
N GLN A 164 -19.01 0.60 -12.97
CA GLN A 164 -20.37 0.27 -13.40
C GLN A 164 -21.28 -0.03 -12.22
N LEU A 165 -22.55 0.38 -12.34
CA LEU A 165 -23.52 0.34 -11.23
C LEU A 165 -23.29 -0.82 -10.28
N LEU A 166 -22.58 -0.53 -9.19
CA LEU A 166 -22.24 -1.55 -8.21
C LEU A 166 -23.46 -1.91 -7.35
N GLY A 167 -24.62 -1.37 -7.72
CA GLY A 167 -25.86 -1.66 -7.03
C GLY A 167 -27.01 -0.76 -7.43
N GLY A 168 -27.52 -0.01 -6.45
CA GLY A 168 -28.77 0.75 -6.58
C GLY A 168 -28.77 1.99 -7.45
N VAL A 169 -28.63 3.15 -6.82
CA VAL A 169 -28.90 4.43 -7.50
C VAL A 169 -27.73 5.41 -7.45
N ARG A 170 -27.10 5.66 -8.59
CA ARG A 170 -26.07 6.70 -8.66
C ARG A 170 -26.55 8.01 -8.11
N ALA A 171 -25.87 8.54 -7.10
CA ALA A 171 -26.16 9.89 -6.67
C ALA A 171 -25.41 10.89 -7.56
N VAL A 172 -25.48 12.17 -7.20
CA VAL A 172 -24.75 13.21 -7.90
C VAL A 172 -24.22 14.18 -6.84
N VAL A 173 -22.97 13.96 -6.44
CA VAL A 173 -22.31 14.88 -5.55
C VAL A 173 -22.07 16.12 -6.42
N MET A 174 -22.89 17.14 -6.24
CA MET A 174 -22.79 18.37 -7.03
C MET A 174 -21.71 19.24 -6.40
N ASP A 175 -21.79 19.34 -5.08
CA ASP A 175 -20.76 19.96 -4.26
C ASP A 175 -20.49 19.07 -3.07
N SER A 176 -19.21 18.97 -2.71
CA SER A 176 -18.82 18.34 -1.46
C SER A 176 -17.45 18.82 -1.14
N GLN A 177 -17.31 19.47 0.00
CA GLN A 177 -16.00 19.88 0.37
C GLN A 177 -15.78 19.85 1.85
N TYR A 178 -14.74 19.15 2.29
CA TYR A 178 -14.40 19.14 3.70
C TYR A 178 -13.35 20.22 3.89
N LEU A 179 -13.61 21.12 4.84
CA LEU A 179 -12.62 22.11 5.28
C LEU A 179 -12.25 21.80 6.71
N ILE A 180 -10.97 21.52 6.93
CA ILE A 180 -10.48 21.17 8.27
C ILE A 180 -9.47 22.21 8.68
N GLU A 181 -9.72 22.87 9.81
CA GLU A 181 -8.81 23.93 10.23
C GLU A 181 -8.41 23.75 11.68
N PRO A 182 -7.21 24.21 12.05
CA PRO A 182 -6.73 24.04 13.41
C PRO A 182 -7.48 24.97 14.35
N CYS A 183 -8.02 24.41 15.41
CA CYS A 183 -8.49 25.20 16.53
C CYS A 183 -7.98 24.50 17.80
N GLY A 184 -7.40 25.26 18.72
CA GLY A 184 -6.89 24.69 19.97
C GLY A 184 -5.62 23.86 19.81
N SER A 185 -5.20 23.21 20.90
CA SER A 185 -3.98 22.39 20.90
C SER A 185 -4.25 21.01 20.36
N GLY A 186 -3.82 20.77 19.12
CA GLY A 186 -4.03 19.50 18.43
C GLY A 186 -5.49 19.09 18.26
N LYS A 187 -6.36 20.07 18.04
CA LYS A 187 -7.76 19.80 17.74
C LYS A 187 -8.13 20.46 16.41
N SER A 188 -9.28 20.09 15.88
CA SER A 188 -9.70 20.69 14.61
C SER A 188 -11.16 21.04 14.60
N ARG A 189 -11.48 22.09 13.85
CA ARG A 189 -12.84 22.40 13.45
C ARG A 189 -13.06 21.70 12.10
N LEU A 190 -13.97 20.75 12.04
CA LEU A 190 -14.28 20.10 10.78
C LEU A 190 -15.54 20.68 10.15
N THR A 191 -15.49 21.09 8.90
CA THR A 191 -16.68 21.63 8.26
C THR A 191 -16.94 20.96 6.93
N HIS A 192 -18.10 20.32 6.80
CA HIS A 192 -18.51 19.78 5.51
C HIS A 192 -19.63 20.60 4.82
N ILE A 193 -19.28 21.32 3.76
CA ILE A 193 -20.27 21.93 2.90
C ILE A 193 -20.61 21.07 1.68
N CYS A 194 -21.81 20.51 1.63
CA CYS A 194 -22.17 19.76 0.45
C CYS A 194 -23.62 19.92 -0.07
N ARG A 195 -23.86 19.29 -1.22
CA ARG A 195 -25.07 19.43 -2.00
C ARG A 195 -25.13 18.19 -2.87
N ILE A 196 -25.90 17.21 -2.45
CA ILE A 196 -25.99 15.97 -3.18
C ILE A 196 -27.40 15.80 -3.74
N ASP A 197 -27.50 15.18 -4.91
CA ASP A 197 -28.76 14.83 -5.53
C ASP A 197 -28.86 13.31 -5.52
N LEU A 198 -29.35 12.72 -4.43
CA LEU A 198 -29.73 11.31 -4.45
C LEU A 198 -30.91 11.30 -5.37
N LYS A 199 -31.01 10.32 -6.25
CA LYS A 199 -32.07 10.39 -7.26
C LYS A 199 -33.39 9.67 -6.91
N GLY A 200 -34.32 10.36 -6.28
CA GLY A 200 -35.68 9.82 -6.14
C GLY A 200 -36.36 9.83 -4.78
N HIS A 201 -36.18 10.91 -4.03
CA HIS A 201 -36.91 11.11 -2.79
C HIS A 201 -37.64 12.42 -2.94
N SER A 202 -38.42 12.79 -1.94
CA SER A 202 -39.18 14.04 -1.98
C SER A 202 -38.29 15.28 -1.90
N PRO A 203 -38.71 16.39 -2.56
CA PRO A 203 -38.15 17.70 -2.23
C PRO A 203 -38.55 18.08 -0.79
N GLU A 204 -39.69 17.57 -0.33
CA GLU A 204 -40.14 17.75 1.06
C GLU A 204 -39.45 16.78 2.02
N TRP A 205 -38.26 16.29 1.64
CA TRP A 205 -37.41 15.46 2.49
C TRP A 205 -36.02 16.08 2.62
N TYR A 206 -35.51 16.57 1.50
CA TYR A 206 -34.25 17.31 1.48
C TYR A 206 -34.48 18.77 1.91
N SER A 207 -35.65 19.06 2.45
CA SER A 207 -36.01 20.37 2.94
C SER A 207 -35.37 20.63 4.31
N LYS A 208 -35.37 19.60 5.15
CA LYS A 208 -34.72 19.70 6.47
C LYS A 208 -34.06 18.38 6.90
N GLY A 209 -34.61 17.25 6.43
CA GLY A 209 -34.15 15.93 6.85
C GLY A 209 -32.74 15.55 6.40
N PHE A 210 -32.35 16.06 5.25
CA PHE A 210 -31.03 15.81 4.70
C PHE A 210 -29.94 16.48 5.53
N GLY A 211 -30.22 17.68 6.01
CA GLY A 211 -29.27 18.42 6.86
C GLY A 211 -28.86 17.62 8.07
N HIS A 212 -29.84 16.94 8.65
CA HIS A 212 -29.61 16.14 9.82
C HIS A 212 -28.68 14.97 9.52
N LEU A 213 -28.83 14.39 8.34
CA LEU A 213 -27.94 13.35 7.91
C LEU A 213 -26.49 13.87 7.80
N CYS A 214 -26.32 15.06 7.22
CA CYS A 214 -25.02 15.72 7.22
C CYS A 214 -24.44 15.95 8.62
N ALA A 215 -25.25 16.41 9.57
CA ALA A 215 -24.71 16.80 10.86
C ALA A 215 -24.27 15.54 11.60
N ALA A 216 -24.89 14.42 11.24
CA ALA A 216 -24.61 13.18 11.91
C ALA A 216 -23.39 12.50 11.30
N GLU A 217 -23.04 12.87 10.07
CA GLU A 217 -21.87 12.29 9.42
C GLU A 217 -20.67 12.88 10.11
N VAL A 218 -20.78 14.18 10.29
CA VAL A 218 -19.74 14.96 10.87
C VAL A 218 -19.61 14.71 12.38
N ALA A 219 -20.64 14.14 12.98
CA ALA A 219 -20.61 13.81 14.41
C ALA A 219 -19.96 12.46 14.59
N ARG A 220 -20.20 11.57 13.64
CA ARG A 220 -19.60 10.26 13.66
C ARG A 220 -18.11 10.37 13.44
N ILE A 221 -17.70 11.22 12.51
CA ILE A 221 -16.27 11.43 12.32
C ILE A 221 -15.66 11.86 13.63
N ARG A 222 -16.34 12.76 14.33
CA ARG A 222 -15.85 13.21 15.61
C ARG A 222 -15.76 12.07 16.61
N ASN A 223 -16.88 11.36 16.79
CA ASN A 223 -16.92 10.23 17.72
C ASN A 223 -15.82 9.20 17.48
N SER A 224 -15.42 9.01 16.23
CA SER A 224 -14.44 7.99 15.94
C SER A 224 -13.02 8.36 16.40
N PHE A 225 -12.89 9.49 17.09
CA PHE A 225 -11.63 9.89 17.69
C PHE A 225 -11.78 9.97 19.19
N GLN A 226 -12.89 9.50 19.71
CA GLN A 226 -13.13 9.52 21.15
C GLN A 226 -12.92 8.13 21.66
N PRO A 227 -11.98 7.97 22.62
CA PRO A 227 -11.76 6.75 23.39
C PRO A 227 -13.07 6.04 23.71
N LEU A 228 -13.53 5.21 22.78
CA LEU A 228 -14.79 4.47 22.90
C LEU A 228 -14.83 3.29 21.92
N HIS B 31 51.05 11.45 -9.92
CA HIS B 31 50.61 12.51 -10.88
C HIS B 31 49.59 11.97 -11.91
N THR B 32 48.31 12.25 -11.71
CA THR B 32 47.79 13.04 -10.59
C THR B 32 46.34 12.63 -10.25
N TYR B 33 46.16 11.70 -9.30
CA TYR B 33 47.25 11.14 -8.52
C TYR B 33 46.99 9.68 -8.12
N LEU B 34 48.05 8.86 -8.19
CA LEU B 34 48.05 7.50 -7.65
C LEU B 34 47.65 7.51 -6.18
N ASN B 35 47.83 8.65 -5.53
CA ASN B 35 47.53 8.82 -4.11
C ASN B 35 46.05 8.94 -3.75
N HIS B 36 45.18 8.37 -4.55
CA HIS B 36 43.86 8.03 -4.04
C HIS B 36 43.60 6.56 -4.25
N LEU B 37 44.64 5.77 -3.92
CA LEU B 37 44.55 4.35 -3.69
C LEU B 37 44.24 4.19 -2.21
N ILE B 38 44.30 5.32 -1.51
CA ILE B 38 43.71 5.43 -0.19
C ILE B 38 42.24 5.03 -0.31
N GLN B 39 41.59 5.54 -1.36
CA GLN B 39 40.23 5.13 -1.68
C GLN B 39 40.19 3.63 -1.91
N GLY B 40 41.19 3.09 -2.61
CA GLY B 40 41.28 1.67 -2.86
C GLY B 40 41.43 0.82 -1.61
N LEU B 41 42.36 1.22 -0.74
CA LEU B 41 42.63 0.45 0.48
C LEU B 41 41.46 0.42 1.47
N GLN B 42 40.78 1.55 1.62
CA GLN B 42 39.57 1.59 2.43
C GLN B 42 38.54 0.61 1.90
N LYS B 43 38.30 0.69 0.60
CA LYS B 43 37.32 -0.15 -0.08
C LYS B 43 37.68 -1.63 0.05
N GLU B 44 38.98 -1.92 0.03
CA GLU B 44 39.47 -3.29 0.14
C GLU B 44 39.25 -3.88 1.54
N ALA B 45 39.54 -3.07 2.55
CA ALA B 45 39.44 -3.48 3.95
C ALA B 45 38.03 -3.61 4.44
N LYS B 46 37.12 -2.76 3.94
CA LYS B 46 35.72 -2.79 4.35
C LYS B 46 35.02 -4.04 3.88
N GLU B 47 35.37 -4.48 2.66
CA GLU B 47 34.95 -5.77 2.09
C GLU B 47 35.19 -6.96 3.02
N LYS B 48 36.32 -6.99 3.72
CA LYS B 48 36.60 -8.10 4.63
C LYS B 48 35.73 -8.00 5.87
N PHE B 49 35.27 -6.80 6.19
CA PHE B 49 34.60 -6.62 7.45
C PHE B 49 33.12 -6.94 7.33
N LYS B 50 32.61 -7.73 8.25
CA LYS B 50 31.25 -8.21 8.16
C LYS B 50 30.35 -7.54 9.18
N GLY B 51 30.92 -6.68 10.02
CA GLY B 51 30.15 -6.00 11.05
C GLY B 51 29.71 -4.62 10.64
N TRP B 52 29.58 -3.77 11.65
CA TRP B 52 28.95 -2.46 11.56
C TRP B 52 29.99 -1.37 11.40
N VAL B 53 29.97 -0.65 10.28
CA VAL B 53 30.87 0.48 10.02
C VAL B 53 30.23 1.80 10.48
N THR B 54 30.83 2.51 11.44
CA THR B 54 30.16 3.68 12.01
C THR B 54 30.23 4.91 11.12
N CYS B 55 29.19 5.75 11.14
CA CYS B 55 29.11 6.96 10.33
C CYS B 55 28.89 8.14 11.21
N SER B 56 29.47 9.26 10.82
CA SER B 56 29.23 10.53 11.48
C SER B 56 27.88 11.08 11.04
N SER B 57 27.06 11.42 12.02
CA SER B 57 25.76 11.98 11.74
C SER B 57 25.55 13.16 12.68
N THR B 58 24.42 13.84 12.50
CA THR B 58 24.16 15.07 13.24
C THR B 58 23.04 14.87 14.21
N ASP B 59 22.75 15.93 14.94
CA ASP B 59 21.62 15.99 15.88
C ASP B 59 21.72 14.91 16.97
N ASN B 60 22.95 14.65 17.41
CA ASN B 60 23.20 13.75 18.52
C ASN B 60 22.75 12.29 18.28
N THR B 61 22.98 11.78 17.07
CA THR B 61 22.53 10.42 16.70
C THR B 61 23.67 9.44 16.36
N ASP B 62 23.50 8.17 16.68
CA ASP B 62 24.52 7.20 16.31
C ASP B 62 24.13 6.45 15.03
N LEU B 63 24.95 6.55 13.99
CA LEU B 63 24.63 5.86 12.74
C LEU B 63 25.64 4.78 12.34
N ALA B 64 25.22 3.77 11.59
CA ALA B 64 26.11 2.70 11.13
C ALA B 64 25.47 1.90 10.02
N PHE B 65 26.27 1.37 9.11
CA PHE B 65 25.78 0.41 8.13
C PHE B 65 26.49 -0.91 8.24
N LYS B 66 26.04 -1.88 7.47
CA LYS B 66 26.66 -3.18 7.42
C LYS B 66 26.40 -3.72 6.02
N LYS B 67 27.40 -4.36 5.45
CA LYS B 67 27.20 -5.07 4.21
C LYS B 67 26.58 -6.40 4.58
N VAL B 68 25.45 -6.75 3.97
CA VAL B 68 24.97 -8.12 4.11
C VAL B 68 25.61 -8.91 2.96
N GLY B 69 26.04 -10.14 3.22
CA GLY B 69 26.70 -10.90 2.17
C GLY B 69 25.68 -11.54 1.26
N ASP B 70 25.06 -10.73 0.43
CA ASP B 70 23.70 -11.02 0.03
C ASP B 70 23.49 -11.19 -1.46
N GLY B 71 24.37 -10.61 -2.25
CA GLY B 71 24.11 -10.49 -3.68
C GLY B 71 23.17 -9.32 -3.91
N ASN B 72 22.95 -8.53 -2.86
CA ASN B 72 22.10 -7.34 -2.94
C ASN B 72 22.82 -6.18 -2.28
N PRO B 73 23.14 -5.17 -3.08
CA PRO B 73 23.93 -4.00 -2.70
C PRO B 73 23.41 -3.23 -1.48
N LEU B 74 22.12 -3.31 -1.18
CA LEU B 74 21.53 -2.45 -0.16
C LEU B 74 22.12 -2.79 1.18
N LYS B 75 22.71 -1.78 1.80
CA LYS B 75 23.32 -1.91 3.10
C LYS B 75 22.21 -2.01 4.10
N LEU B 76 22.56 -2.47 5.29
CA LEU B 76 21.63 -2.53 6.38
C LEU B 76 22.04 -1.36 7.25
N TRP B 77 21.11 -0.65 7.87
CA TRP B 77 21.51 0.50 8.65
C TRP B 77 21.00 0.39 10.03
N LYS B 78 21.74 1.00 10.94
CA LYS B 78 21.35 1.05 12.31
C LYS B 78 21.51 2.49 12.81
N ALA B 79 20.44 3.03 13.41
CA ALA B 79 20.43 4.42 13.90
C ALA B 79 19.96 4.43 15.34
N SER B 80 20.51 5.35 16.13
CA SER B 80 20.16 5.38 17.56
C SER B 80 20.07 6.75 18.21
N VAL B 81 19.08 6.87 19.09
CA VAL B 81 18.96 8.04 19.97
C VAL B 81 18.51 7.62 21.35
N GLU B 82 18.74 8.52 22.30
CA GLU B 82 18.19 8.39 23.63
C GLU B 82 16.92 9.22 23.62
N VAL B 83 15.86 8.69 24.20
CA VAL B 83 14.57 9.37 24.13
C VAL B 83 13.90 9.46 25.49
N GLU B 84 13.38 10.64 25.78
CA GLU B 84 12.84 10.97 27.09
C GLU B 84 11.46 10.40 27.43
N ALA B 85 11.34 9.07 27.50
CA ALA B 85 10.10 8.41 27.96
C ALA B 85 10.29 6.89 28.04
N PRO B 86 9.42 6.20 28.80
CA PRO B 86 9.47 4.74 28.99
C PRO B 86 9.27 3.99 27.67
N PRO B 87 9.87 2.79 27.55
CA PRO B 87 9.79 2.01 26.32
C PRO B 87 8.39 1.94 25.71
N SER B 88 7.42 1.39 26.46
CA SER B 88 6.08 1.20 25.91
C SER B 88 5.46 2.50 25.36
N VAL B 89 5.82 3.63 25.97
CA VAL B 89 5.37 4.92 25.47
C VAL B 89 6.05 5.29 24.14
N VAL B 90 7.33 4.98 24.00
CA VAL B 90 7.99 5.19 22.72
C VAL B 90 7.40 4.26 21.64
N LEU B 91 7.02 3.06 22.03
CA LEU B 91 6.41 2.13 21.09
C LEU B 91 5.16 2.78 20.56
N ASN B 92 4.24 3.10 21.47
CA ASN B 92 2.98 3.65 21.05
C ASN B 92 3.19 4.85 20.14
N ARG B 93 4.15 5.70 20.52
CA ARG B 93 4.55 6.83 19.69
C ARG B 93 4.92 6.39 18.28
N VAL B 94 5.83 5.44 18.15
CA VAL B 94 6.25 4.99 16.81
C VAL B 94 5.11 4.33 16.03
N LEU B 95 4.32 3.52 16.73
CA LEU B 95 3.28 2.65 16.20
C LEU B 95 2.00 3.34 15.74
N ARG B 96 1.56 4.35 16.49
CA ARG B 96 0.19 4.85 16.39
C ARG B 96 0.18 6.36 16.23
N GLU B 97 1.35 6.97 16.18
CA GLU B 97 1.43 8.43 16.26
C GLU B 97 2.53 9.05 15.38
N ARG B 98 2.72 8.48 14.20
CA ARG B 98 3.78 8.94 13.32
C ARG B 98 3.59 10.39 12.83
N HIS B 99 2.35 10.86 12.82
CA HIS B 99 2.07 12.22 12.40
C HIS B 99 2.68 13.22 13.33
N LEU B 100 2.94 12.79 14.55
CA LEU B 100 3.70 13.60 15.51
C LEU B 100 5.21 13.71 15.21
N TRP B 101 5.77 12.76 14.46
CA TRP B 101 7.20 12.84 14.19
C TRP B 101 7.62 12.71 12.75
N ASP B 102 6.71 12.95 11.83
CA ASP B 102 7.08 12.80 10.45
C ASP B 102 6.26 13.71 9.60
N GLU B 103 6.89 14.75 9.09
CA GLU B 103 6.13 15.68 8.29
C GLU B 103 5.55 15.08 7.04
N ASP B 104 6.17 14.01 6.52
CA ASP B 104 5.82 13.50 5.17
C ASP B 104 4.81 12.38 5.19
N PHE B 105 4.40 11.97 6.37
CA PHE B 105 3.49 10.82 6.57
C PHE B 105 2.04 11.23 6.27
N VAL B 106 1.56 10.93 5.06
CA VAL B 106 0.32 11.60 4.57
C VAL B 106 -1.00 10.78 4.57
N GLN B 107 -0.94 9.53 4.18
CA GLN B 107 -2.14 8.75 4.22
C GLN B 107 -1.79 7.51 5.00
N TRP B 108 -2.74 6.86 5.62
CA TRP B 108 -2.47 5.58 6.27
C TRP B 108 -3.73 4.95 6.77
N LYS B 109 -3.63 3.64 7.06
CA LYS B 109 -4.72 2.87 7.65
C LYS B 109 -4.25 1.46 8.02
N VAL B 110 -4.77 0.91 9.12
CA VAL B 110 -4.67 -0.51 9.34
C VAL B 110 -5.46 -1.15 8.24
N VAL B 111 -4.81 -2.00 7.42
CA VAL B 111 -5.45 -2.84 6.41
C VAL B 111 -6.14 -4.09 6.99
N GLU B 112 -5.57 -4.66 8.05
CA GLU B 112 -6.09 -5.89 8.67
C GLU B 112 -5.48 -6.09 10.03
N THR B 113 -6.27 -6.59 10.96
CA THR B 113 -5.75 -6.89 12.28
C THR B 113 -5.67 -8.40 12.46
N LEU B 114 -4.50 -8.89 12.87
CA LEU B 114 -4.27 -10.33 12.92
C LEU B 114 -4.26 -10.83 14.35
N ASP B 115 -4.02 -9.91 15.28
CA ASP B 115 -4.31 -10.12 16.69
C ASP B 115 -3.96 -8.87 17.45
N ARG B 116 -3.97 -8.99 18.78
CA ARG B 116 -3.78 -7.84 19.67
C ARG B 116 -2.39 -7.23 19.51
N GLN B 117 -1.52 -7.92 18.78
CA GLN B 117 -0.12 -7.53 18.68
C GLN B 117 0.49 -7.63 17.29
N THR B 118 -0.25 -8.11 16.30
CA THR B 118 0.27 -8.09 14.91
C THR B 118 -0.77 -7.64 13.86
N GLU B 119 -0.33 -6.86 12.87
CA GLU B 119 -1.26 -6.26 11.90
C GLU B 119 -0.64 -5.95 10.55
N ILE B 120 -1.49 -5.66 9.58
CA ILE B 120 -1.05 -5.28 8.26
C ILE B 120 -1.43 -3.84 8.06
N TYR B 121 -0.49 -3.03 7.58
CA TYR B 121 -0.63 -1.61 7.73
C TYR B 121 -0.08 -0.95 6.51
N GLN B 122 -0.76 0.09 6.04
CA GLN B 122 -0.34 0.78 4.85
C GLN B 122 -0.23 2.26 5.12
N TYR B 123 0.77 2.90 4.52
CA TYR B 123 0.95 4.33 4.67
C TYR B 123 1.78 4.87 3.52
N VAL B 124 1.75 6.19 3.34
CA VAL B 124 2.38 6.84 2.18
C VAL B 124 3.22 7.97 2.68
N LEU B 125 4.45 8.05 2.20
CA LEU B 125 5.32 9.17 2.51
C LEU B 125 5.64 10.03 1.30
N ASN B 126 5.48 11.35 1.40
CA ASN B 126 6.01 12.22 0.32
C ASN B 126 7.52 12.20 0.28
N SER B 127 8.08 12.19 -0.91
CA SER B 127 9.53 12.25 -1.02
C SER B 127 9.89 13.70 -1.32
N MET B 128 11.18 14.01 -1.23
CA MET B 128 11.68 15.35 -1.53
C MET B 128 11.59 15.65 -3.02
N ALA B 129 11.66 16.94 -3.35
CA ALA B 129 11.87 17.41 -4.73
C ALA B 129 10.85 16.82 -5.75
N PRO B 130 11.31 16.36 -6.93
CA PRO B 130 10.24 15.94 -7.85
C PRO B 130 10.01 14.43 -7.81
N HIS B 131 10.33 13.80 -6.70
CA HIS B 131 10.24 12.34 -6.62
C HIS B 131 8.86 11.85 -6.18
N PRO B 132 8.42 10.70 -6.70
CA PRO B 132 7.09 10.21 -6.35
C PRO B 132 7.05 9.82 -4.88
N SER B 133 5.88 9.95 -4.28
CA SER B 133 5.64 9.43 -2.94
C SER B 133 5.85 7.93 -2.90
N ARG B 134 6.26 7.44 -1.75
CA ARG B 134 6.45 6.02 -1.63
C ARG B 134 5.29 5.41 -0.87
N ASP B 135 4.86 4.24 -1.33
CA ASP B 135 3.76 3.47 -0.72
C ASP B 135 4.26 2.24 0.05
N PHE B 136 3.85 2.08 1.30
CA PHE B 136 4.35 0.99 2.13
C PHE B 136 3.23 0.12 2.65
N VAL B 137 3.17 -1.13 2.18
CA VAL B 137 2.31 -2.13 2.84
C VAL B 137 3.10 -3.13 3.67
N VAL B 138 2.97 -3.01 4.97
CA VAL B 138 3.85 -3.71 5.84
C VAL B 138 3.14 -4.65 6.87
N LEU B 139 3.56 -5.90 6.99
CA LEU B 139 3.20 -6.73 8.14
C LEU B 139 4.02 -6.23 9.29
N ARG B 140 3.40 -5.87 10.41
CA ARG B 140 4.18 -5.46 11.59
C ARG B 140 3.65 -6.10 12.85
N THR B 141 4.58 -6.43 13.76
CA THR B 141 4.24 -7.03 15.04
C THR B 141 5.09 -6.45 16.17
N TRP B 142 4.53 -6.37 17.37
CA TRP B 142 5.23 -5.71 18.48
C TRP B 142 5.14 -6.48 19.81
N LYS B 143 6.08 -6.20 20.73
CA LYS B 143 6.19 -6.94 21.99
C LYS B 143 6.47 -6.01 23.16
N THR B 144 5.75 -6.19 24.27
CA THR B 144 5.82 -5.24 25.38
C THR B 144 6.36 -5.81 26.69
N ASP B 145 6.37 -7.13 26.81
CA ASP B 145 6.87 -7.77 28.04
C ASP B 145 8.08 -8.66 27.78
N LEU B 146 9.24 -8.04 27.74
CA LEU B 146 10.49 -8.74 27.43
C LEU B 146 11.47 -8.66 28.58
N PRO B 147 12.46 -9.58 28.59
CA PRO B 147 13.62 -9.49 29.47
C PRO B 147 14.19 -8.07 29.51
N LYS B 148 14.36 -7.56 30.73
CA LYS B 148 14.89 -6.20 30.98
C LYS B 148 13.94 -5.09 30.53
N GLY B 149 12.64 -5.36 30.55
CA GLY B 149 11.60 -4.39 30.16
C GLY B 149 11.74 -3.78 28.77
N MET B 150 11.99 -4.62 27.78
CA MET B 150 12.23 -4.15 26.41
C MET B 150 10.97 -4.05 25.59
N CYS B 151 11.01 -3.24 24.54
CA CYS B 151 9.94 -3.21 23.56
C CYS B 151 10.49 -3.34 22.16
N THR B 152 9.88 -4.19 21.34
CA THR B 152 10.30 -4.28 19.95
C THR B 152 9.13 -4.12 19.00
N LEU B 153 9.39 -3.51 17.85
CA LEU B 153 8.40 -3.44 16.77
C LEU B 153 9.06 -3.91 15.50
N VAL B 154 8.60 -4.99 14.91
CA VAL B 154 9.31 -5.56 13.74
C VAL B 154 8.41 -5.76 12.51
N SER B 155 8.84 -5.23 11.37
CA SER B 155 7.94 -5.13 10.20
C SER B 155 8.63 -5.56 8.92
N LEU B 156 7.84 -5.86 7.90
CA LEU B 156 8.37 -6.30 6.62
C LEU B 156 7.24 -6.26 5.56
N SER B 157 7.56 -5.86 4.35
CA SER B 157 6.56 -5.70 3.30
C SER B 157 5.78 -6.96 2.94
N VAL B 158 4.47 -6.81 2.84
CA VAL B 158 3.62 -7.85 2.32
C VAL B 158 2.66 -7.22 1.33
N GLU B 159 1.62 -7.97 0.98
CA GLU B 159 0.57 -7.54 0.06
C GLU B 159 -0.79 -7.97 0.58
N HIS B 160 -1.80 -7.15 0.32
CA HIS B 160 -3.17 -7.46 0.70
C HIS B 160 -4.05 -6.97 -0.45
N GLU B 161 -5.16 -7.65 -0.71
CA GLU B 161 -6.08 -7.24 -1.80
C GLU B 161 -6.72 -5.89 -1.52
N GLU B 162 -6.87 -5.53 -0.24
CA GLU B 162 -7.45 -4.23 0.12
C GLU B 162 -6.39 -3.21 0.44
N ALA B 163 -5.26 -3.31 -0.26
CA ALA B 163 -4.11 -2.44 -0.06
C ALA B 163 -3.63 -1.98 -1.41
N GLN B 164 -4.42 -1.16 -2.07
CA GLN B 164 -4.11 -0.89 -3.45
C GLN B 164 -3.10 0.21 -3.46
N LEU B 165 -2.32 0.29 -4.52
CA LEU B 165 -1.30 1.30 -4.66
C LEU B 165 -1.89 2.67 -4.38
N LEU B 166 -1.48 3.28 -3.27
CA LEU B 166 -1.98 4.62 -2.90
C LEU B 166 -0.99 5.71 -3.25
N GLY B 167 0.30 5.37 -3.35
CA GLY B 167 1.30 6.38 -3.68
C GLY B 167 1.94 6.10 -5.01
N GLY B 168 2.98 6.86 -5.36
CA GLY B 168 3.71 6.65 -6.61
C GLY B 168 4.36 5.28 -6.76
N VAL B 169 5.22 4.92 -5.81
CA VAL B 169 5.99 3.66 -5.93
C VAL B 169 5.71 2.72 -4.77
N ARG B 170 5.74 1.41 -4.97
CA ARG B 170 5.82 0.56 -3.79
C ARG B 170 7.21 0.31 -3.32
N ALA B 171 7.47 0.73 -2.09
CA ALA B 171 8.62 0.36 -1.32
C ALA B 171 8.58 -1.12 -0.96
N VAL B 172 9.76 -1.76 -0.93
CA VAL B 172 9.90 -3.08 -0.33
C VAL B 172 10.63 -2.88 0.98
N VAL B 173 10.01 -3.21 2.10
CA VAL B 173 10.72 -3.06 3.37
C VAL B 173 11.23 -4.44 3.65
N MET B 174 12.53 -4.65 3.48
CA MET B 174 13.12 -5.99 3.63
C MET B 174 13.38 -6.32 5.08
N ASP B 175 13.79 -5.33 5.85
CA ASP B 175 14.11 -5.53 7.25
C ASP B 175 13.84 -4.22 7.91
N SER B 176 13.04 -4.23 8.96
CA SER B 176 13.01 -3.09 9.84
C SER B 176 12.67 -3.63 11.21
N GLN B 177 13.46 -3.25 12.22
CA GLN B 177 13.06 -3.56 13.58
C GLN B 177 13.43 -2.43 14.54
N TYR B 178 12.45 -1.94 15.30
CA TYR B 178 12.73 -0.94 16.32
C TYR B 178 13.00 -1.61 17.65
N LEU B 179 14.10 -1.23 18.30
CA LEU B 179 14.46 -1.85 19.57
C LEU B 179 14.54 -0.82 20.68
N ILE B 180 13.65 -1.00 21.65
CA ILE B 180 13.51 -0.01 22.72
C ILE B 180 13.88 -0.57 24.09
N GLU B 181 15.10 -0.25 24.53
CA GLU B 181 15.60 -0.70 25.81
C GLU B 181 15.56 0.46 26.80
N PRO B 182 15.32 0.18 28.10
CA PRO B 182 15.34 1.28 29.06
C PRO B 182 16.76 1.71 29.39
N CYS B 183 16.90 2.96 29.82
CA CYS B 183 18.14 3.43 30.41
C CYS B 183 17.88 4.74 31.14
N GLY B 184 18.51 4.92 32.31
CA GLY B 184 18.30 6.12 33.10
C GLY B 184 16.96 6.14 33.79
N SER B 185 16.68 7.22 34.53
CA SER B 185 15.47 7.32 35.34
C SER B 185 14.22 7.63 34.52
N GLY B 186 13.76 6.64 33.75
CA GLY B 186 12.53 6.79 32.99
C GLY B 186 12.71 7.10 31.52
N LYS B 187 13.97 7.10 31.07
CA LYS B 187 14.29 7.33 29.66
C LYS B 187 14.48 5.99 28.90
N SER B 188 14.70 6.06 27.58
CA SER B 188 14.79 4.86 26.73
C SER B 188 15.85 5.03 25.65
N ARG B 189 16.60 3.97 25.35
CA ARG B 189 17.43 3.96 24.14
C ARG B 189 16.62 3.31 23.03
N LEU B 190 16.44 4.07 21.94
CA LEU B 190 15.65 3.60 20.77
C LEU B 190 16.58 3.36 19.60
N THR B 191 16.52 2.18 19.03
CA THR B 191 17.39 1.79 17.94
C THR B 191 16.54 1.28 16.83
N HIS B 192 16.71 1.84 15.64
CA HIS B 192 15.97 1.30 14.49
C HIS B 192 17.01 0.72 13.58
N ILE B 193 16.79 -0.51 13.13
CA ILE B 193 17.70 -1.19 12.23
C ILE B 193 16.86 -1.51 11.03
N CYS B 194 17.28 -1.11 9.85
CA CYS B 194 16.40 -1.33 8.74
C CYS B 194 17.09 -1.39 7.39
N ARG B 195 16.36 -1.95 6.43
CA ARG B 195 16.88 -2.18 5.09
C ARG B 195 15.71 -2.14 4.09
N ILE B 196 15.69 -1.11 3.25
CA ILE B 196 14.50 -0.72 2.53
C ILE B 196 14.86 -0.37 1.11
N ASP B 197 14.15 -0.99 0.18
CA ASP B 197 14.32 -0.76 -1.23
C ASP B 197 13.24 0.20 -1.77
N LEU B 198 13.61 1.46 -1.95
CA LEU B 198 12.74 2.46 -2.57
C LEU B 198 13.09 2.29 -4.02
N LYS B 199 12.13 1.92 -4.85
CA LYS B 199 12.50 1.38 -6.15
C LYS B 199 12.72 2.48 -7.19
N GLY B 200 13.85 3.19 -7.10
CA GLY B 200 14.10 4.30 -8.00
C GLY B 200 15.51 4.84 -8.03
N HIS B 201 15.94 5.44 -6.93
CA HIS B 201 17.25 6.12 -6.81
C HIS B 201 18.50 5.26 -7.05
N SER B 202 19.61 5.93 -7.31
CA SER B 202 20.93 5.31 -7.54
C SER B 202 21.47 4.59 -6.29
N PRO B 203 22.29 3.53 -6.47
CA PRO B 203 23.08 2.98 -5.35
C PRO B 203 23.94 4.00 -4.57
N GLU B 204 24.47 5.01 -5.26
CA GLU B 204 25.24 6.09 -4.61
C GLU B 204 24.36 6.98 -3.72
N TRP B 205 23.13 7.22 -4.16
CA TRP B 205 22.11 7.92 -3.35
C TRP B 205 21.86 7.19 -2.04
N TYR B 206 21.83 5.86 -2.08
CA TYR B 206 21.71 5.07 -0.87
C TYR B 206 22.90 5.25 0.04
N SER B 207 24.08 4.82 -0.40
CA SER B 207 25.33 4.97 0.35
C SER B 207 25.42 6.24 1.17
N LYS B 208 25.19 7.38 0.52
CA LYS B 208 25.28 8.67 1.17
C LYS B 208 24.01 9.04 1.95
N GLY B 209 22.89 9.14 1.22
CA GLY B 209 21.69 9.77 1.74
C GLY B 209 20.90 8.95 2.73
N PHE B 210 20.67 7.68 2.40
CA PHE B 210 19.71 6.88 3.16
C PHE B 210 20.02 6.75 4.65
N GLY B 211 21.30 6.76 5.02
CA GLY B 211 21.65 6.64 6.42
C GLY B 211 21.20 7.86 7.19
N HIS B 212 21.45 9.02 6.62
CA HIS B 212 21.08 10.29 7.26
C HIS B 212 19.59 10.42 7.45
N LEU B 213 18.82 9.86 6.53
CA LEU B 213 17.39 9.75 6.73
C LEU B 213 17.09 8.94 7.97
N CYS B 214 17.72 7.77 8.09
CA CYS B 214 17.40 6.88 9.18
C CYS B 214 17.70 7.55 10.50
N ALA B 215 18.70 8.42 10.52
CA ALA B 215 19.10 9.08 11.77
C ALA B 215 18.16 10.24 12.06
N ALA B 216 17.70 10.91 11.00
CA ALA B 216 16.72 12.00 11.12
C ALA B 216 15.39 11.48 11.67
N GLU B 217 15.00 10.29 11.21
CA GLU B 217 13.76 9.68 11.64
C GLU B 217 13.78 9.44 13.14
N VAL B 218 14.90 8.96 13.61
CA VAL B 218 14.99 8.51 14.96
C VAL B 218 15.16 9.74 15.85
N ALA B 219 15.77 10.78 15.29
CA ALA B 219 15.97 12.04 15.99
C ALA B 219 14.64 12.74 16.16
N ARG B 220 13.79 12.69 15.15
CA ARG B 220 12.50 13.36 15.27
C ARG B 220 11.59 12.65 16.26
N ILE B 221 11.64 11.32 16.28
CA ILE B 221 10.92 10.61 17.33
C ILE B 221 11.34 11.11 18.73
N ARG B 222 12.62 11.38 18.93
CA ARG B 222 13.07 11.93 20.19
C ARG B 222 12.45 13.30 20.47
N ASN B 223 12.62 14.25 19.54
CA ASN B 223 12.11 15.61 19.68
C ASN B 223 10.61 15.68 19.97
N SER B 224 9.87 14.70 19.48
CA SER B 224 8.43 14.67 19.66
C SER B 224 8.07 14.38 21.09
N PHE B 225 9.07 14.22 21.96
CA PHE B 225 8.82 14.03 23.39
C PHE B 225 9.31 15.24 24.18
N GLN B 226 9.60 16.32 23.46
CA GLN B 226 10.08 17.56 24.07
C GLN B 226 9.22 18.75 23.64
N PRO B 227 8.86 19.60 24.60
CA PRO B 227 8.14 20.84 24.29
C PRO B 227 8.92 21.73 23.30
N LEU B 228 8.41 21.86 22.08
CA LEU B 228 9.02 22.75 21.08
C LEU B 228 7.98 23.41 20.18
N TYR C 33 27.06 -11.93 23.16
CA TYR C 33 26.03 -11.58 24.19
C TYR C 33 24.82 -10.90 23.56
N LEU C 34 24.79 -10.88 22.22
CA LEU C 34 23.72 -10.22 21.48
C LEU C 34 22.59 -11.19 21.14
N ASN C 35 21.43 -10.96 21.76
CA ASN C 35 20.18 -11.67 21.45
C ASN C 35 19.57 -11.41 20.07
N HIS C 36 19.30 -12.49 19.33
CA HIS C 36 18.53 -12.42 18.10
C HIS C 36 17.27 -13.25 18.21
N LEU C 37 16.34 -12.73 19.01
CA LEU C 37 14.99 -13.26 19.09
C LEU C 37 14.16 -12.61 17.98
N ILE C 38 14.69 -11.52 17.42
CA ILE C 38 14.12 -10.82 16.28
C ILE C 38 13.80 -11.79 15.16
N GLN C 39 14.75 -12.67 14.85
CA GLN C 39 14.58 -13.66 13.80
C GLN C 39 13.35 -14.53 14.10
N GLY C 40 13.05 -14.71 15.38
CA GLY C 40 11.94 -15.57 15.78
C GLY C 40 10.60 -14.85 15.77
N LEU C 41 10.58 -13.63 16.29
CA LEU C 41 9.42 -12.76 16.24
C LEU C 41 8.88 -12.65 14.82
N GLN C 42 9.81 -12.44 13.89
CA GLN C 42 9.51 -12.34 12.46
C GLN C 42 8.75 -13.56 11.92
N LYS C 43 9.36 -14.74 12.06
CA LYS C 43 8.78 -15.99 11.58
C LYS C 43 7.46 -16.34 12.28
N GLU C 44 7.34 -15.92 13.54
CA GLU C 44 6.08 -16.03 14.27
C GLU C 44 4.98 -15.24 13.57
N ALA C 45 5.30 -13.99 13.19
CA ALA C 45 4.37 -13.15 12.42
C ALA C 45 4.14 -13.63 10.97
N LYS C 46 5.20 -14.05 10.29
CA LYS C 46 5.07 -14.63 8.94
C LYS C 46 4.14 -15.85 8.87
N GLU C 47 4.35 -16.84 9.74
CA GLU C 47 3.50 -18.05 9.79
C GLU C 47 2.02 -17.70 10.05
N LYS C 48 1.82 -16.77 10.98
CA LYS C 48 0.50 -16.23 11.33
C LYS C 48 -0.03 -15.22 10.26
N PHE C 49 -0.03 -15.65 8.99
CA PHE C 49 -0.28 -14.78 7.82
C PHE C 49 -0.01 -15.54 6.53
N LYS C 50 -1.02 -15.74 5.70
CA LYS C 50 -0.81 -16.57 4.54
C LYS C 50 -0.88 -15.85 3.20
N GLY C 51 -0.57 -14.56 3.19
CA GLY C 51 -0.53 -13.82 1.94
C GLY C 51 0.88 -13.68 1.39
N TRP C 52 1.07 -12.79 0.43
CA TRP C 52 2.36 -12.69 -0.22
C TRP C 52 3.32 -11.78 0.53
N VAL C 53 4.49 -12.31 0.83
CA VAL C 53 5.60 -11.52 1.36
C VAL C 53 6.39 -11.04 0.15
N THR C 54 6.73 -9.75 0.07
CA THR C 54 7.41 -9.24 -1.14
C THR C 54 8.93 -9.31 -1.08
N CYS C 55 9.56 -9.25 -2.24
CA CYS C 55 11.02 -9.29 -2.29
C CYS C 55 11.58 -8.13 -3.05
N SER C 56 12.79 -7.73 -2.71
CA SER C 56 13.52 -6.81 -3.53
C SER C 56 13.85 -7.57 -4.80
N SER C 57 13.82 -6.90 -5.92
CA SER C 57 13.94 -7.60 -7.19
C SER C 57 14.33 -6.58 -8.24
N THR C 58 15.39 -6.87 -8.99
CA THR C 58 15.91 -5.91 -9.96
C THR C 58 15.07 -5.85 -11.22
N ASP C 59 15.43 -4.92 -12.11
CA ASP C 59 14.86 -4.80 -13.47
C ASP C 59 13.37 -4.44 -13.54
N ASN C 60 12.90 -3.65 -12.57
CA ASN C 60 11.52 -3.17 -12.55
C ASN C 60 10.44 -4.28 -12.53
N THR C 61 10.60 -5.26 -11.64
CA THR C 61 9.70 -6.41 -11.56
C THR C 61 9.17 -6.54 -10.15
N ASP C 62 7.98 -7.10 -9.98
CA ASP C 62 7.52 -7.43 -8.63
C ASP C 62 7.75 -8.89 -8.30
N LEU C 63 8.40 -9.16 -7.17
CA LEU C 63 8.61 -10.52 -6.73
C LEU C 63 7.88 -10.71 -5.42
N ALA C 64 7.22 -11.85 -5.24
CA ALA C 64 6.67 -12.18 -3.91
C ALA C 64 6.65 -13.67 -3.72
N PHE C 65 6.66 -14.14 -2.47
CA PHE C 65 6.42 -15.56 -2.26
C PHE C 65 5.32 -15.81 -1.23
N LYS C 66 4.84 -17.04 -1.16
CA LYS C 66 3.84 -17.43 -0.18
C LYS C 66 4.12 -18.88 0.22
N LYS C 67 3.97 -19.19 1.51
CA LYS C 67 4.08 -20.57 1.97
C LYS C 67 2.70 -21.19 1.86
N VAL C 68 2.61 -22.37 1.24
CA VAL C 68 1.36 -23.10 1.30
C VAL C 68 1.44 -24.02 2.51
N GLY C 69 0.47 -23.91 3.42
CA GLY C 69 0.39 -24.87 4.53
C GLY C 69 0.06 -26.23 3.93
N ASP C 70 1.10 -26.97 3.57
CA ASP C 70 0.96 -28.02 2.57
C ASP C 70 1.57 -29.33 3.01
N GLY C 71 2.61 -29.24 3.82
CA GLY C 71 3.47 -30.39 4.07
C GLY C 71 4.70 -30.20 3.20
N ASN C 72 4.52 -29.55 2.07
CA ASN C 72 5.62 -29.34 1.15
C ASN C 72 6.24 -27.99 1.37
N PRO C 73 7.55 -27.98 1.65
CA PRO C 73 8.38 -26.80 1.87
C PRO C 73 8.53 -25.86 0.69
N LEU C 74 8.17 -26.29 -0.51
CA LEU C 74 8.38 -25.40 -1.65
C LEU C 74 7.50 -24.16 -1.55
N LYS C 75 8.05 -23.04 -1.99
CA LYS C 75 7.28 -21.79 -2.04
C LYS C 75 6.56 -21.60 -3.34
N LEU C 76 5.45 -20.87 -3.26
CA LEU C 76 4.73 -20.44 -4.45
C LEU C 76 5.32 -19.06 -4.77
N TRP C 77 5.75 -18.81 -6.00
CA TRP C 77 6.32 -17.50 -6.36
C TRP C 77 5.43 -16.75 -7.28
N LYS C 78 5.28 -15.44 -7.03
CA LYS C 78 4.57 -14.54 -7.97
C LYS C 78 5.54 -13.52 -8.55
N ALA C 79 5.60 -13.40 -9.87
CA ALA C 79 6.35 -12.29 -10.44
C ALA C 79 5.60 -11.52 -11.55
N SER C 80 5.59 -10.19 -11.42
CA SER C 80 4.87 -9.29 -12.32
C SER C 80 5.74 -8.28 -13.07
N VAL C 81 5.29 -7.88 -14.26
CA VAL C 81 5.83 -6.73 -14.97
C VAL C 81 4.72 -6.06 -15.73
N GLU C 82 4.97 -4.83 -16.18
CA GLU C 82 4.13 -4.19 -17.22
C GLU C 82 4.78 -4.47 -18.58
N VAL C 83 3.97 -4.69 -19.61
CA VAL C 83 4.49 -4.91 -20.96
C VAL C 83 3.69 -4.16 -22.06
N GLU C 84 4.39 -3.31 -22.81
CA GLU C 84 3.75 -2.39 -23.77
C GLU C 84 3.21 -3.10 -25.02
N ALA C 85 2.26 -4.00 -24.81
CA ALA C 85 1.73 -4.83 -25.87
C ALA C 85 0.36 -5.39 -25.46
N PRO C 86 -0.47 -5.75 -26.46
CA PRO C 86 -1.76 -6.41 -26.21
C PRO C 86 -1.62 -7.82 -25.59
N PRO C 87 -2.55 -8.18 -24.68
CA PRO C 87 -2.64 -9.50 -24.06
C PRO C 87 -2.47 -10.69 -25.01
N SER C 88 -3.25 -10.73 -26.09
CA SER C 88 -3.18 -11.86 -27.03
C SER C 88 -1.81 -12.02 -27.71
N VAL C 89 -1.20 -10.90 -28.09
CA VAL C 89 0.14 -10.91 -28.69
C VAL C 89 1.18 -11.35 -27.64
N VAL C 90 0.97 -10.91 -26.40
CA VAL C 90 1.80 -11.32 -25.28
C VAL C 90 1.64 -12.82 -24.97
N LEU C 91 0.39 -13.28 -24.93
CA LEU C 91 0.08 -14.69 -24.72
C LEU C 91 0.71 -15.55 -25.82
N ASN C 92 0.77 -15.00 -27.03
CA ASN C 92 1.40 -15.65 -28.16
C ASN C 92 2.92 -15.72 -28.01
N ARG C 93 3.50 -14.68 -27.42
CA ARG C 93 4.96 -14.58 -27.28
C ARG C 93 5.54 -15.54 -26.24
N VAL C 94 4.70 -16.04 -25.34
CA VAL C 94 5.14 -17.00 -24.34
C VAL C 94 4.95 -18.44 -24.84
N LEU C 95 3.94 -18.65 -25.69
CA LEU C 95 3.67 -19.98 -26.24
C LEU C 95 4.66 -20.42 -27.32
N ARG C 96 4.75 -19.64 -28.40
CA ARG C 96 5.49 -20.06 -29.58
C ARG C 96 6.78 -19.30 -29.79
N GLU C 97 6.75 -18.00 -29.50
CA GLU C 97 7.93 -17.16 -29.64
C GLU C 97 8.78 -17.23 -28.38
N ARG C 98 9.05 -18.43 -27.90
CA ARG C 98 9.82 -18.62 -26.67
C ARG C 98 11.32 -18.60 -26.94
N HIS C 99 11.69 -18.67 -28.22
CA HIS C 99 13.09 -18.51 -28.60
C HIS C 99 13.43 -17.03 -28.77
N LEU C 100 12.50 -16.16 -28.40
CA LEU C 100 12.72 -14.71 -28.42
C LEU C 100 13.26 -14.19 -27.08
N TRP C 101 12.88 -14.83 -25.98
CA TRP C 101 13.23 -14.32 -24.66
C TRP C 101 13.96 -15.33 -23.79
N ASP C 102 14.15 -16.54 -24.29
CA ASP C 102 14.92 -17.53 -23.58
C ASP C 102 16.03 -18.05 -24.48
N GLU C 103 17.25 -18.00 -23.97
CA GLU C 103 18.41 -18.42 -24.73
C GLU C 103 18.72 -19.89 -24.48
N ASP C 104 18.15 -20.45 -23.43
CA ASP C 104 18.43 -21.83 -23.06
C ASP C 104 17.29 -22.77 -23.42
N PHE C 105 16.29 -22.22 -24.10
CA PHE C 105 15.13 -22.96 -24.59
C PHE C 105 15.53 -23.87 -25.75
N VAL C 106 16.14 -25.02 -25.46
CA VAL C 106 16.78 -25.81 -26.54
C VAL C 106 15.85 -26.76 -27.32
N GLN C 107 15.34 -27.80 -26.67
CA GLN C 107 14.64 -28.85 -27.42
C GLN C 107 13.13 -28.85 -27.25
N TRP C 108 12.44 -28.02 -28.02
CA TRP C 108 10.99 -27.97 -27.96
C TRP C 108 10.35 -28.84 -29.03
N LYS C 109 9.22 -29.46 -28.70
CA LYS C 109 8.46 -30.31 -29.62
C LYS C 109 7.05 -30.52 -29.08
N VAL C 110 6.06 -29.93 -29.74
CA VAL C 110 4.66 -30.22 -29.41
C VAL C 110 4.40 -31.71 -29.61
N VAL C 111 4.02 -32.40 -28.53
CA VAL C 111 4.01 -33.85 -28.51
C VAL C 111 2.61 -34.46 -28.72
N GLU C 112 1.57 -33.71 -28.36
CA GLU C 112 0.19 -34.11 -28.65
C GLU C 112 -0.73 -32.90 -28.54
N THR C 113 -1.58 -32.71 -29.53
CA THR C 113 -2.58 -31.65 -29.47
C THR C 113 -3.91 -32.24 -29.01
N LEU C 114 -4.32 -31.92 -27.80
CA LEU C 114 -5.54 -32.46 -27.22
C LEU C 114 -6.77 -31.79 -27.77
N ASP C 115 -6.66 -30.48 -28.01
CA ASP C 115 -7.65 -29.71 -28.75
C ASP C 115 -7.06 -28.33 -29.09
N ARG C 116 -7.93 -27.44 -29.50
CA ARG C 116 -7.55 -26.11 -29.96
C ARG C 116 -6.88 -25.27 -28.87
N GLN C 117 -7.30 -25.47 -27.62
CA GLN C 117 -6.78 -24.64 -26.53
C GLN C 117 -6.12 -25.38 -25.35
N THR C 118 -5.89 -26.69 -25.50
CA THR C 118 -5.08 -27.44 -24.52
C THR C 118 -4.16 -28.46 -25.21
N GLU C 119 -2.90 -28.54 -24.77
CA GLU C 119 -1.94 -29.42 -25.44
C GLU C 119 -0.92 -30.05 -24.49
N ILE C 120 -0.01 -30.86 -25.05
CA ILE C 120 1.10 -31.43 -24.29
C ILE C 120 2.45 -31.09 -24.91
N TYR C 121 3.28 -30.42 -24.11
CA TYR C 121 4.48 -29.74 -24.58
C TYR C 121 5.76 -30.22 -23.89
N GLN C 122 6.86 -30.23 -24.63
CA GLN C 122 8.15 -30.67 -24.11
C GLN C 122 9.25 -29.65 -24.40
N TYR C 123 10.04 -29.31 -23.38
CA TYR C 123 11.20 -28.42 -23.58
C TYR C 123 12.34 -28.64 -22.58
N VAL C 124 13.53 -28.16 -22.95
CA VAL C 124 14.73 -28.27 -22.11
C VAL C 124 15.33 -26.89 -21.81
N LEU C 125 15.76 -26.69 -20.56
CA LEU C 125 16.49 -25.48 -20.15
C LEU C 125 17.89 -25.89 -19.67
N ASN C 126 18.93 -25.17 -20.13
CA ASN C 126 20.32 -25.51 -19.78
C ASN C 126 20.86 -24.75 -18.58
N SER C 127 21.93 -25.26 -17.98
CA SER C 127 22.37 -24.81 -16.65
C SER C 127 23.61 -23.91 -16.62
N MET C 128 23.59 -22.91 -15.73
CA MET C 128 24.65 -21.90 -15.62
C MET C 128 25.96 -22.44 -15.02
N ALA C 129 25.85 -23.25 -13.96
CA ALA C 129 27.01 -23.90 -13.35
C ALA C 129 27.17 -25.30 -13.97
N PRO C 130 28.18 -26.09 -13.54
CA PRO C 130 28.23 -27.49 -14.01
C PRO C 130 27.10 -28.39 -13.48
N HIS C 131 25.86 -27.91 -13.56
CA HIS C 131 24.66 -28.67 -13.20
C HIS C 131 24.16 -29.43 -14.42
N PRO C 132 23.36 -30.49 -14.20
CA PRO C 132 22.60 -31.05 -15.32
C PRO C 132 21.48 -30.11 -15.75
N SER C 133 20.93 -30.34 -16.94
CA SER C 133 19.90 -29.47 -17.50
C SER C 133 18.53 -29.70 -16.84
N ARG C 134 17.51 -29.02 -17.35
CA ARG C 134 16.16 -29.16 -16.81
C ARG C 134 15.15 -29.55 -17.90
N ASP C 135 14.79 -30.83 -17.93
CA ASP C 135 13.81 -31.38 -18.86
C ASP C 135 12.39 -31.08 -18.35
N PHE C 136 11.55 -30.50 -19.21
CA PHE C 136 10.17 -30.17 -18.84
C PHE C 136 9.13 -30.84 -19.75
N VAL C 137 8.28 -31.68 -19.18
CA VAL C 137 7.14 -32.22 -19.94
C VAL C 137 5.83 -31.79 -19.29
N VAL C 138 5.00 -31.11 -20.07
CA VAL C 138 3.96 -30.29 -19.49
C VAL C 138 2.64 -30.24 -20.27
N LEU C 139 1.54 -30.51 -19.56
CA LEU C 139 0.20 -30.31 -20.09
C LEU C 139 -0.17 -28.85 -19.88
N ARG C 140 -0.52 -28.15 -20.96
CA ARG C 140 -0.83 -26.72 -20.85
C ARG C 140 -2.10 -26.30 -21.58
N THR C 141 -2.91 -25.46 -20.94
CA THR C 141 -4.15 -24.94 -21.53
C THR C 141 -4.17 -23.41 -21.49
N TRP C 142 -4.94 -22.80 -22.38
CA TRP C 142 -4.95 -21.33 -22.47
C TRP C 142 -6.29 -20.75 -22.96
N LYS C 143 -6.60 -19.53 -22.50
CA LYS C 143 -7.84 -18.84 -22.83
C LYS C 143 -7.57 -17.41 -23.33
N THR C 144 -8.41 -16.92 -24.25
CA THR C 144 -8.36 -15.53 -24.71
C THR C 144 -9.70 -14.83 -24.52
N ASP C 145 -10.77 -15.62 -24.47
CA ASP C 145 -12.11 -15.10 -24.26
C ASP C 145 -12.44 -15.12 -22.77
N LEU C 146 -12.04 -14.08 -22.06
CA LEU C 146 -12.29 -14.02 -20.62
C LEU C 146 -12.65 -12.61 -20.17
N PRO C 147 -13.60 -12.51 -19.20
CA PRO C 147 -14.09 -11.29 -18.55
C PRO C 147 -13.04 -10.21 -18.38
N LYS C 148 -13.38 -9.01 -18.84
CA LYS C 148 -12.52 -7.82 -18.78
C LYS C 148 -11.24 -7.92 -19.64
N GLY C 149 -11.25 -8.81 -20.64
CA GLY C 149 -10.08 -9.00 -21.52
C GLY C 149 -8.93 -9.82 -20.90
N MET C 150 -9.27 -10.88 -20.20
CA MET C 150 -8.28 -11.70 -19.49
C MET C 150 -7.64 -12.84 -20.32
N CYS C 151 -6.32 -12.88 -20.35
CA CYS C 151 -5.60 -14.01 -20.96
C CYS C 151 -4.92 -14.87 -19.88
N THR C 152 -5.10 -16.19 -19.98
CA THR C 152 -4.40 -17.12 -19.10
C THR C 152 -3.69 -18.21 -19.85
N LEU C 153 -2.50 -18.57 -19.38
CA LEU C 153 -1.83 -19.80 -19.79
C LEU C 153 -1.55 -20.58 -18.52
N VAL C 154 -2.08 -21.78 -18.39
CA VAL C 154 -1.76 -22.57 -17.21
C VAL C 154 -1.11 -23.92 -17.53
N SER C 155 -0.12 -24.29 -16.74
CA SER C 155 0.63 -25.52 -17.01
C SER C 155 0.78 -26.41 -15.76
N LEU C 156 0.81 -27.72 -15.97
CA LEU C 156 1.25 -28.61 -14.94
C LEU C 156 1.99 -29.81 -15.54
N SER C 157 2.98 -30.31 -14.81
CA SER C 157 3.85 -31.39 -15.30
C SER C 157 3.13 -32.72 -15.43
N VAL C 158 3.36 -33.42 -16.54
CA VAL C 158 2.79 -34.76 -16.83
C VAL C 158 3.74 -35.76 -17.52
N GLU C 159 3.26 -36.98 -17.77
CA GLU C 159 4.05 -37.98 -18.51
C GLU C 159 3.39 -38.37 -19.83
N HIS C 160 4.21 -38.53 -20.86
CA HIS C 160 3.69 -38.97 -22.15
C HIS C 160 4.52 -40.11 -22.73
N GLU C 161 3.83 -41.06 -23.37
CA GLU C 161 4.48 -42.23 -23.96
C GLU C 161 5.56 -41.87 -24.99
N GLU C 162 5.46 -40.68 -25.59
CA GLU C 162 6.32 -40.30 -26.72
C GLU C 162 7.30 -39.16 -26.41
N ALA C 163 7.57 -38.95 -25.14
CA ALA C 163 8.54 -37.94 -24.72
C ALA C 163 9.45 -38.49 -23.63
N GLN C 164 10.26 -39.47 -24.01
CA GLN C 164 11.25 -40.06 -23.11
C GLN C 164 12.35 -39.04 -22.81
N LEU C 165 13.02 -39.23 -21.67
CA LEU C 165 14.02 -38.28 -21.17
C LEU C 165 14.96 -37.77 -22.27
N LEU C 166 14.93 -36.46 -22.50
CA LEU C 166 15.73 -35.84 -23.55
C LEU C 166 16.88 -35.06 -22.95
N GLY C 167 16.80 -34.80 -21.65
CA GLY C 167 17.84 -34.05 -20.95
C GLY C 167 18.32 -34.80 -19.73
N GLY C 168 18.64 -34.07 -18.67
CA GLY C 168 19.10 -34.67 -17.44
C GLY C 168 17.98 -34.94 -16.45
N VAL C 169 17.50 -33.88 -15.81
CA VAL C 169 16.55 -33.98 -14.72
C VAL C 169 15.16 -33.51 -15.13
N ARG C 170 14.13 -34.29 -14.79
CA ARG C 170 12.74 -33.87 -14.98
C ARG C 170 12.25 -32.99 -13.87
N ALA C 171 11.67 -31.85 -14.21
CA ALA C 171 11.05 -30.99 -13.22
C ALA C 171 9.61 -31.42 -12.97
N VAL C 172 9.10 -31.11 -11.79
CA VAL C 172 7.67 -31.25 -11.56
C VAL C 172 7.12 -29.84 -11.47
N VAL C 173 6.52 -29.32 -12.53
CA VAL C 173 5.81 -28.06 -12.42
C VAL C 173 4.51 -28.38 -11.69
N MET C 174 4.46 -28.06 -10.40
CA MET C 174 3.27 -28.32 -9.61
C MET C 174 2.18 -27.30 -9.94
N ASP C 175 2.59 -26.05 -10.14
CA ASP C 175 1.69 -24.96 -10.44
C ASP C 175 2.40 -24.00 -11.38
N SER C 176 1.74 -23.61 -12.46
CA SER C 176 2.22 -22.48 -13.26
C SER C 176 1.11 -21.80 -14.01
N GLN C 177 0.69 -20.65 -13.53
CA GLN C 177 -0.26 -19.83 -14.30
C GLN C 177 0.28 -18.47 -14.74
N TYR C 178 0.09 -18.17 -16.02
CA TYR C 178 0.31 -16.81 -16.53
C TYR C 178 -1.03 -16.12 -16.58
N LEU C 179 -1.16 -15.02 -15.85
CA LEU C 179 -2.37 -14.22 -15.90
C LEU C 179 -2.01 -12.92 -16.58
N ILE C 180 -2.50 -12.75 -17.81
CA ILE C 180 -2.25 -11.53 -18.61
C ILE C 180 -3.47 -10.60 -18.64
N GLU C 181 -3.37 -9.52 -17.86
CA GLU C 181 -4.46 -8.60 -17.59
C GLU C 181 -4.11 -7.17 -18.02
N SER C 188 -0.80 -4.34 -20.90
CA SER C 188 -0.93 -5.62 -20.18
C SER C 188 0.07 -5.77 -19.02
N ARG C 189 -0.42 -6.22 -17.86
CA ARG C 189 0.46 -6.62 -16.74
C ARG C 189 0.66 -8.12 -16.83
N LEU C 190 1.90 -8.56 -17.02
CA LEU C 190 2.17 -9.98 -17.10
C LEU C 190 2.44 -10.57 -15.72
N THR C 191 1.56 -11.46 -15.26
CA THR C 191 1.78 -12.09 -13.93
C THR C 191 1.99 -13.59 -14.02
N HIS C 192 3.18 -14.03 -13.64
CA HIS C 192 3.45 -15.46 -13.61
C HIS C 192 3.50 -15.99 -12.18
N ILE C 193 2.52 -16.80 -11.81
CA ILE C 193 2.52 -17.47 -10.52
C ILE C 193 2.97 -18.92 -10.72
N CYS C 194 4.06 -19.32 -10.07
CA CYS C 194 4.51 -20.70 -10.24
C CYS C 194 5.12 -21.39 -9.02
N ARG C 195 5.26 -22.71 -9.12
CA ARG C 195 5.75 -23.56 -8.03
C ARG C 195 6.36 -24.82 -8.63
N ILE C 196 7.68 -24.88 -8.66
CA ILE C 196 8.34 -25.93 -9.41
C ILE C 196 9.26 -26.71 -8.49
N ASP C 197 9.21 -28.03 -8.62
CA ASP C 197 10.13 -28.92 -7.97
C ASP C 197 11.23 -29.27 -8.97
N LEU C 198 12.33 -28.52 -8.94
CA LEU C 198 13.57 -28.93 -9.58
C LEU C 198 14.21 -29.82 -8.54
N LYS C 199 14.50 -31.05 -8.91
CA LYS C 199 14.91 -32.03 -7.92
C LYS C 199 16.38 -31.85 -7.48
N GLY C 200 16.58 -31.75 -6.16
CA GLY C 200 17.92 -31.79 -5.55
C GLY C 200 18.78 -30.52 -5.56
N HIS C 201 18.38 -29.52 -4.78
CA HIS C 201 19.12 -28.25 -4.69
C HIS C 201 19.45 -27.78 -3.25
N SER C 202 19.81 -26.51 -3.12
CA SER C 202 20.22 -25.92 -1.84
C SER C 202 19.04 -25.34 -1.05
N PRO C 203 19.21 -25.15 0.29
CA PRO C 203 18.18 -24.46 1.08
C PRO C 203 18.00 -22.99 0.68
N GLU C 204 19.11 -22.26 0.58
CA GLU C 204 19.08 -20.83 0.27
C GLU C 204 18.69 -20.57 -1.18
N TRP C 205 18.82 -21.60 -2.01
CA TRP C 205 18.48 -21.48 -3.43
C TRP C 205 16.98 -21.43 -3.61
N TYR C 206 16.29 -22.37 -2.96
CA TYR C 206 14.84 -22.50 -3.07
C TYR C 206 14.09 -21.37 -2.34
N SER C 207 14.80 -20.68 -1.47
CA SER C 207 14.21 -19.60 -0.67
C SER C 207 14.57 -18.21 -1.23
N LYS C 208 15.46 -18.17 -2.22
CA LYS C 208 15.85 -16.90 -2.83
C LYS C 208 16.10 -17.03 -4.32
N GLY C 209 17.23 -17.64 -4.69
CA GLY C 209 17.66 -17.80 -6.09
C GLY C 209 16.57 -18.12 -7.11
N PHE C 210 15.63 -18.96 -6.72
CA PHE C 210 14.54 -19.36 -7.62
C PHE C 210 13.58 -18.20 -7.97
N GLY C 211 13.35 -17.32 -7.01
CA GLY C 211 12.45 -16.20 -7.19
C GLY C 211 13.05 -15.21 -8.15
N HIS C 212 14.35 -14.97 -7.98
CA HIS C 212 15.06 -14.08 -8.87
C HIS C 212 15.11 -14.67 -10.27
N LEU C 213 15.13 -16.00 -10.37
CA LEU C 213 15.06 -16.65 -11.67
C LEU C 213 13.73 -16.38 -12.34
N CYS C 214 12.65 -16.38 -11.56
CA CYS C 214 11.30 -16.13 -12.07
C CYS C 214 11.11 -14.73 -12.59
N ALA C 215 11.72 -13.76 -11.89
CA ALA C 215 11.61 -12.37 -12.26
C ALA C 215 12.40 -12.12 -13.54
N ALA C 216 13.52 -12.82 -13.67
CA ALA C 216 14.40 -12.65 -14.82
C ALA C 216 13.71 -13.10 -16.11
N GLU C 217 12.97 -14.21 -16.03
CA GLU C 217 12.20 -14.69 -17.17
C GLU C 217 11.16 -13.65 -17.55
N VAL C 218 10.30 -13.31 -16.59
CA VAL C 218 9.22 -12.36 -16.80
C VAL C 218 9.72 -10.98 -17.25
N ALA C 219 10.95 -10.64 -16.86
CA ALA C 219 11.60 -9.43 -17.36
C ALA C 219 11.88 -9.57 -18.85
N ARG C 220 12.49 -10.70 -19.23
CA ARG C 220 12.95 -10.92 -20.60
C ARG C 220 11.81 -10.96 -21.61
N ILE C 221 10.63 -11.37 -21.16
CA ILE C 221 9.43 -11.35 -22.01
C ILE C 221 9.05 -9.92 -22.43
N ARG C 222 9.13 -8.98 -21.49
CA ARG C 222 8.92 -7.56 -21.78
C ARG C 222 10.08 -7.00 -22.61
N ASN C 223 11.28 -7.50 -22.35
CA ASN C 223 12.49 -7.12 -23.11
C ASN C 223 12.49 -7.64 -24.54
N SER C 224 11.69 -8.66 -24.83
CA SER C 224 11.69 -9.25 -26.18
C SER C 224 10.75 -8.53 -27.14
N PHE C 225 10.31 -7.33 -26.76
CA PHE C 225 9.52 -6.48 -27.64
C PHE C 225 10.17 -5.09 -27.82
N GLN C 226 11.47 -5.03 -27.56
CA GLN C 226 12.23 -3.78 -27.67
C GLN C 226 13.50 -3.98 -28.50
#